data_7K2P
#
_entry.id   7K2P
#
_cell.length_a   162.613
_cell.length_b   68.871
_cell.length_c   77.199
_cell.angle_alpha   90.000
_cell.angle_beta   117.786
_cell.angle_gamma   90.000
#
_symmetry.space_group_name_H-M   'C 1 2 1'
#
loop_
_entity.id
_entity.type
_entity.pdbx_description
1 polymer 'Kelch-like ECH-associated protein 1'
2 polymer (DAV)DPETGE
3 water water
#
loop_
_entity_poly.entity_id
_entity_poly.type
_entity_poly.pdbx_seq_one_letter_code
_entity_poly.pdbx_strand_id
1 'polypeptide(L)'
;VGRLIYTAGGYFRQSLSYLEAYNPSDGTWLRLADLQVPRSGLAGCVVGGLLYAVGGRNNSPDGNTDSSALDCYNPMTNQW
SPCAPMSVPRNRIGVGVIDGHIYAVGGSHGCIHHNSVERYEPERDEWHLVAPMLTRRIGVGVAVLNRLLYAVGGFDGTNR
LNSAECYYPERNEWRMITAMNTIRSGAGVCVLHNCIYAAGGYDGQDQLNSVERYDVETETWTFVAPMKHRRSALGITVHQ
GRIYVLGGYDGHTFLDSVECYDPDTDTWSEVTRMTSGRSGVGVAVTMEPSRKQIDQQNCTC
;
A,B
2 'polypeptide(L)' (DAV)DPETGE P
#
# COMPACT_ATOMS: atom_id res chain seq x y z
N LEU A 4 -16.89 9.58 0.68
CA LEU A 4 -17.69 9.30 1.88
C LEU A 4 -17.96 7.81 2.14
N ILE A 5 -18.53 7.54 3.31
CA ILE A 5 -18.78 6.19 3.78
C ILE A 5 -20.18 5.80 3.33
N TYR A 6 -20.26 4.76 2.49
CA TYR A 6 -21.53 4.24 2.02
C TYR A 6 -21.90 2.98 2.79
N THR A 7 -23.18 2.90 3.16
CA THR A 7 -23.76 1.73 3.81
C THR A 7 -24.92 1.24 2.94
N ALA A 8 -24.91 -0.06 2.64
CA ALA A 8 -25.90 -0.67 1.76
C ALA A 8 -26.51 -1.87 2.45
N GLY A 9 -27.83 -1.98 2.37
CA GLY A 9 -28.49 -3.13 2.95
C GLY A 9 -28.58 -3.01 4.46
N GLY A 10 -28.75 -4.16 5.12
CA GLY A 10 -28.92 -4.21 6.55
C GLY A 10 -30.20 -4.91 6.95
N TYR A 11 -30.43 -4.92 8.26
CA TYR A 11 -31.60 -5.62 8.74
C TYR A 11 -32.19 -4.87 9.92
N PHE A 12 -33.50 -4.63 9.85
CA PHE A 12 -34.26 -4.13 10.98
C PHE A 12 -35.70 -4.56 10.74
N ARG A 13 -36.17 -5.57 11.48
CA ARG A 13 -37.45 -6.23 11.24
C ARG A 13 -37.45 -7.03 9.94
N GLN A 14 -36.72 -6.57 8.92
CA GLN A 14 -36.57 -7.28 7.65
C GLN A 14 -35.31 -6.79 6.96
N SER A 15 -34.85 -7.54 5.96
CA SER A 15 -33.72 -7.06 5.17
C SER A 15 -34.11 -5.77 4.44
N LEU A 16 -33.15 -4.86 4.31
CA LEU A 16 -33.45 -3.52 3.80
C LEU A 16 -32.77 -3.26 2.47
N SER A 17 -33.28 -2.24 1.78
CA SER A 17 -32.79 -1.75 0.49
C SER A 17 -31.96 -0.47 0.61
N TYR A 18 -31.72 0.03 1.82
CA TYR A 18 -31.15 1.36 1.99
C TYR A 18 -29.73 1.44 1.43
N LEU A 19 -29.47 2.53 0.71
CA LEU A 19 -28.13 2.99 0.39
C LEU A 19 -28.01 4.41 0.88
N GLU A 20 -27.10 4.64 1.83
CA GLU A 20 -26.86 5.93 2.43
C GLU A 20 -25.37 6.20 2.53
N ALA A 21 -25.02 7.48 2.57
CA ALA A 21 -23.63 7.92 2.57
C ALA A 21 -23.42 8.89 3.73
N TYR A 22 -22.46 8.58 4.58
CA TYR A 22 -22.12 9.43 5.71
C TYR A 22 -20.94 10.31 5.38
N ASN A 23 -21.02 11.58 5.76
CA ASN A 23 -19.99 12.57 5.53
C ASN A 23 -19.32 12.88 6.85
N PRO A 24 -18.15 12.31 7.11
CA PRO A 24 -17.43 12.61 8.37
C PRO A 24 -17.00 14.07 8.48
N SER A 25 -16.89 14.79 7.37
CA SER A 25 -16.51 16.20 7.44
C SER A 25 -17.67 17.04 7.97
N ASP A 26 -18.83 17.03 7.29
CA ASP A 26 -19.95 17.89 7.69
C ASP A 26 -20.92 17.24 8.68
N GLY A 27 -20.91 15.91 8.79
CA GLY A 27 -21.73 15.19 9.74
C GLY A 27 -23.10 14.77 9.25
N THR A 28 -23.41 14.87 7.96
CA THR A 28 -24.76 14.57 7.49
C THR A 28 -24.77 13.39 6.52
N TRP A 29 -25.96 12.80 6.39
CA TRP A 29 -26.23 11.58 5.66
C TRP A 29 -26.95 11.90 4.36
N LEU A 30 -26.52 11.27 3.27
CA LEU A 30 -27.20 11.39 1.98
C LEU A 30 -27.93 10.09 1.66
N ARG A 31 -29.15 10.21 1.14
CA ARG A 31 -29.98 9.06 0.82
C ARG A 31 -29.99 8.88 -0.69
N LEU A 32 -29.57 7.71 -1.16
CA LEU A 32 -29.39 7.47 -2.59
C LEU A 32 -30.22 6.27 -3.02
N ALA A 33 -29.90 5.75 -4.22
CA ALA A 33 -30.76 4.78 -4.88
C ALA A 33 -30.89 3.48 -4.09
N ASP A 34 -32.12 2.98 -3.97
CA ASP A 34 -32.37 1.71 -3.33
C ASP A 34 -31.63 0.59 -4.07
N LEU A 35 -31.16 -0.38 -3.30
CA LEU A 35 -30.81 -1.68 -3.87
C LEU A 35 -32.01 -2.25 -4.64
N GLN A 36 -31.70 -3.04 -5.68
CA GLN A 36 -32.77 -3.69 -6.44
C GLN A 36 -33.49 -4.74 -5.60
N VAL A 37 -32.72 -5.59 -4.90
CA VAL A 37 -33.27 -6.62 -4.05
C VAL A 37 -32.81 -6.32 -2.61
N PRO A 38 -33.71 -6.33 -1.63
CA PRO A 38 -33.28 -6.15 -0.24
C PRO A 38 -32.25 -7.20 0.15
N ARG A 39 -31.32 -6.80 1.02
CA ARG A 39 -30.24 -7.71 1.42
C ARG A 39 -29.73 -7.35 2.80
N SER A 40 -29.42 -8.38 3.57
CA SER A 40 -28.66 -8.25 4.80
C SER A 40 -27.65 -9.39 4.83
N GLY A 41 -26.61 -9.25 5.66
CA GLY A 41 -25.54 -10.23 5.67
C GLY A 41 -24.70 -10.23 4.40
N LEU A 42 -24.71 -9.14 3.66
CA LEU A 42 -23.91 -8.94 2.46
C LEU A 42 -22.60 -8.26 2.83
N ALA A 43 -21.72 -8.11 1.85
CA ALA A 43 -20.53 -7.29 2.04
C ALA A 43 -20.43 -6.27 0.92
N GLY A 44 -19.76 -5.16 1.21
CA GLY A 44 -19.51 -4.12 0.23
C GLY A 44 -18.02 -4.00 -0.07
N CYS A 45 -17.70 -3.54 -1.27
CA CYS A 45 -16.33 -3.21 -1.61
C CYS A 45 -16.38 -2.22 -2.75
N VAL A 46 -15.22 -1.70 -3.11
CA VAL A 46 -15.09 -0.68 -4.13
C VAL A 46 -13.99 -1.10 -5.10
N VAL A 47 -14.31 -1.10 -6.40
CA VAL A 47 -13.33 -1.33 -7.45
C VAL A 47 -13.57 -0.30 -8.55
N GLY A 48 -12.51 0.40 -8.94
CA GLY A 48 -12.61 1.45 -9.95
C GLY A 48 -13.60 2.53 -9.60
N GLY A 49 -13.70 2.89 -8.32
CA GLY A 49 -14.66 3.86 -7.85
C GLY A 49 -16.10 3.37 -7.77
N LEU A 50 -16.41 2.20 -8.32
CA LEU A 50 -17.76 1.68 -8.28
C LEU A 50 -17.96 0.84 -7.01
N LEU A 51 -19.19 0.84 -6.51
CA LEU A 51 -19.54 0.21 -5.24
C LEU A 51 -20.25 -1.11 -5.53
N TYR A 52 -19.72 -2.20 -4.99
CA TYR A 52 -20.27 -3.53 -5.24
C TYR A 52 -20.94 -4.09 -3.99
N ALA A 53 -22.08 -4.74 -4.20
CA ALA A 53 -22.85 -5.41 -3.15
C ALA A 53 -22.86 -6.91 -3.44
N VAL A 54 -22.34 -7.72 -2.51
CA VAL A 54 -22.05 -9.13 -2.74
C VAL A 54 -22.79 -9.97 -1.72
N GLY A 55 -23.45 -11.02 -2.20
CA GLY A 55 -24.08 -12.05 -1.40
C GLY A 55 -25.17 -11.53 -0.48
N GLY A 56 -25.32 -12.21 0.65
CA GLY A 56 -26.34 -11.88 1.63
C GLY A 56 -27.59 -12.72 1.49
N ARG A 57 -28.69 -12.19 2.03
CA ARG A 57 -29.98 -12.85 1.87
C ARG A 57 -31.10 -11.83 2.00
N ASN A 58 -32.26 -12.18 1.45
CA ASN A 58 -33.46 -11.35 1.59
C ASN A 58 -34.39 -12.03 2.60
N ASN A 59 -34.29 -11.59 3.85
CA ASN A 59 -35.09 -12.11 4.96
C ASN A 59 -36.30 -11.18 5.12
N SER A 60 -37.47 -11.64 4.69
CA SER A 60 -38.65 -10.80 4.58
C SER A 60 -39.89 -11.49 5.14
N PRO A 61 -40.99 -10.76 5.33
CA PRO A 61 -42.24 -11.43 5.74
C PRO A 61 -42.66 -12.59 4.83
N ASP A 62 -42.10 -12.72 3.62
CA ASP A 62 -42.58 -13.68 2.62
C ASP A 62 -41.57 -14.72 2.18
N GLY A 63 -40.38 -14.75 2.75
CA GLY A 63 -39.35 -15.67 2.29
C GLY A 63 -37.95 -15.21 2.64
N ASN A 64 -37.03 -16.17 2.75
CA ASN A 64 -35.70 -15.99 3.32
C ASN A 64 -34.63 -16.56 2.37
N THR A 65 -34.47 -15.90 1.21
CA THR A 65 -33.71 -16.42 0.07
C THR A 65 -32.27 -15.91 0.13
N ASP A 66 -31.33 -16.84 0.32
CA ASP A 66 -29.91 -16.52 0.23
C ASP A 66 -29.56 -16.04 -1.18
N SER A 67 -28.62 -15.12 -1.25
CA SER A 67 -28.35 -14.39 -2.46
C SER A 67 -27.01 -14.80 -3.04
N SER A 68 -27.02 -15.13 -4.33
CA SER A 68 -25.80 -15.25 -5.13
C SER A 68 -25.52 -13.97 -5.91
N ALA A 69 -26.28 -12.92 -5.68
CA ALA A 69 -26.22 -11.73 -6.53
C ALA A 69 -24.95 -10.93 -6.26
N LEU A 70 -24.44 -10.30 -7.33
CA LEU A 70 -23.49 -9.20 -7.24
C LEU A 70 -24.06 -8.04 -8.04
N ASP A 71 -24.07 -6.85 -7.43
CA ASP A 71 -24.68 -5.67 -8.04
C ASP A 71 -23.74 -4.47 -7.87
N CYS A 72 -23.74 -3.59 -8.87
CA CYS A 72 -22.80 -2.49 -8.98
C CYS A 72 -23.51 -1.16 -8.95
N TYR A 73 -23.09 -0.27 -8.05
CA TYR A 73 -23.63 1.07 -7.92
C TYR A 73 -22.60 2.08 -8.42
N ASN A 74 -23.04 3.02 -9.26
CA ASN A 74 -22.17 4.07 -9.80
C ASN A 74 -22.46 5.38 -9.09
N PRO A 75 -21.47 5.97 -8.41
CA PRO A 75 -21.75 7.09 -7.48
C PRO A 75 -22.19 8.38 -8.14
N MET A 76 -22.01 8.56 -9.44
CA MET A 76 -22.52 9.75 -10.11
C MET A 76 -23.50 9.44 -11.22
N THR A 77 -23.88 8.18 -11.40
CA THR A 77 -25.09 7.81 -12.13
C THR A 77 -26.26 7.55 -11.17
N ASN A 78 -25.97 7.25 -9.91
CA ASN A 78 -26.99 6.83 -8.92
C ASN A 78 -27.82 5.67 -9.48
N GLN A 79 -27.17 4.74 -10.16
CA GLN A 79 -27.89 3.58 -10.66
C GLN A 79 -27.15 2.29 -10.33
N TRP A 80 -27.92 1.31 -9.89
CA TRP A 80 -27.47 -0.06 -9.70
C TRP A 80 -27.63 -0.83 -11.00
N SER A 81 -26.64 -1.66 -11.32
CA SER A 81 -26.73 -2.55 -12.45
C SER A 81 -26.29 -3.94 -12.02
N PRO A 82 -27.04 -4.98 -12.37
CA PRO A 82 -26.64 -6.34 -12.00
C PRO A 82 -25.41 -6.80 -12.78
N CYS A 83 -24.56 -7.57 -12.11
CA CYS A 83 -23.45 -8.31 -12.71
C CYS A 83 -23.70 -9.81 -12.57
N ALA A 84 -22.80 -10.61 -13.12
CA ALA A 84 -22.98 -12.06 -13.09
C ALA A 84 -23.08 -12.55 -11.65
N PRO A 85 -23.82 -13.64 -11.40
CA PRO A 85 -23.97 -14.15 -10.03
C PRO A 85 -22.87 -15.14 -9.66
N MET A 86 -22.76 -15.40 -8.37
CA MET A 86 -21.73 -16.28 -7.84
C MET A 86 -22.09 -17.74 -8.08
N SER A 87 -21.11 -18.62 -7.91
CA SER A 87 -21.38 -20.05 -8.05
C SER A 87 -22.52 -20.50 -7.11
N VAL A 88 -22.55 -19.98 -5.89
CA VAL A 88 -23.51 -20.41 -4.86
C VAL A 88 -23.94 -19.20 -4.04
N PRO A 89 -25.11 -19.28 -3.39
CA PRO A 89 -25.51 -18.20 -2.50
C PRO A 89 -24.60 -18.15 -1.28
N ARG A 90 -24.33 -16.94 -0.79
CA ARG A 90 -23.45 -16.75 0.35
C ARG A 90 -24.06 -15.71 1.29
N ASN A 91 -24.80 -16.17 2.30
CA ASN A 91 -25.25 -15.29 3.36
C ASN A 91 -24.12 -15.11 4.36
N ARG A 92 -23.98 -13.89 4.89
CA ARG A 92 -22.96 -13.57 5.88
C ARG A 92 -21.57 -13.86 5.31
N ILE A 93 -21.39 -13.36 4.10
CA ILE A 93 -20.21 -13.50 3.28
C ILE A 93 -19.13 -12.53 3.75
N GLY A 94 -17.90 -12.78 3.34
CA GLY A 94 -16.84 -11.82 3.47
C GLY A 94 -16.21 -11.59 2.11
N VAL A 95 -15.73 -10.35 1.88
CA VAL A 95 -15.14 -10.01 0.59
C VAL A 95 -13.87 -9.19 0.81
N GLY A 96 -12.94 -9.34 -0.13
CA GLY A 96 -11.79 -8.48 -0.19
C GLY A 96 -11.41 -8.24 -1.63
N VAL A 97 -10.56 -7.23 -1.84
CA VAL A 97 -10.17 -6.78 -3.18
C VAL A 97 -8.66 -6.87 -3.31
N ILE A 98 -8.18 -7.64 -4.30
CA ILE A 98 -6.77 -7.62 -4.67
C ILE A 98 -6.66 -7.44 -6.19
N ASP A 99 -5.83 -6.49 -6.60
CA ASP A 99 -5.51 -6.27 -8.01
C ASP A 99 -6.80 -6.06 -8.81
N GLY A 100 -7.70 -5.26 -8.25
CA GLY A 100 -8.94 -4.93 -8.92
C GLY A 100 -9.91 -6.08 -9.11
N HIS A 101 -9.67 -7.20 -8.41
CA HIS A 101 -10.54 -8.37 -8.45
C HIS A 101 -11.16 -8.60 -7.08
N ILE A 102 -12.43 -9.02 -7.06
CA ILE A 102 -13.18 -9.21 -5.83
C ILE A 102 -13.17 -10.71 -5.48
N TYR A 103 -12.85 -11.02 -4.22
CA TYR A 103 -12.87 -12.38 -3.69
C TYR A 103 -14.08 -12.54 -2.77
N ALA A 104 -14.93 -13.52 -3.09
CA ALA A 104 -16.07 -13.87 -2.25
C ALA A 104 -15.69 -15.09 -1.41
N VAL A 105 -15.85 -14.95 -0.10
CA VAL A 105 -15.30 -15.90 0.86
C VAL A 105 -16.43 -16.43 1.75
N GLY A 106 -16.58 -17.76 1.75
CA GLY A 106 -17.40 -18.38 2.78
C GLY A 106 -18.87 -18.03 2.66
N GLY A 107 -19.52 -17.87 3.81
CA GLY A 107 -20.95 -17.61 3.83
C GLY A 107 -21.76 -18.89 3.84
N SER A 108 -23.08 -18.73 3.96
CA SER A 108 -23.96 -19.87 4.12
C SER A 108 -25.04 -19.88 3.04
N HIS A 109 -25.49 -21.09 2.71
CA HIS A 109 -26.70 -21.31 1.91
C HIS A 109 -27.52 -22.34 2.67
N GLY A 110 -28.61 -21.89 3.28
CA GLY A 110 -29.39 -22.77 4.12
C GLY A 110 -28.54 -23.31 5.26
N CYS A 111 -28.49 -24.65 5.36
CA CYS A 111 -27.68 -25.34 6.35
C CYS A 111 -26.20 -25.32 6.03
N ILE A 112 -25.82 -25.10 4.78
CA ILE A 112 -24.45 -25.32 4.34
C ILE A 112 -23.61 -24.12 4.72
N HIS A 113 -22.50 -24.38 5.44
CA HIS A 113 -21.51 -23.35 5.72
C HIS A 113 -20.34 -23.58 4.78
N HIS A 114 -20.11 -22.64 3.88
CA HIS A 114 -19.10 -22.80 2.84
C HIS A 114 -17.70 -22.62 3.40
N ASN A 115 -16.77 -23.45 2.92
CA ASN A 115 -15.37 -23.09 2.90
C ASN A 115 -14.95 -22.56 1.53
N SER A 116 -15.84 -22.60 0.55
CA SER A 116 -15.49 -22.27 -0.82
C SER A 116 -15.23 -20.78 -0.99
N VAL A 117 -14.45 -20.47 -2.00
CA VAL A 117 -14.03 -19.11 -2.33
C VAL A 117 -14.01 -18.99 -3.84
N GLU A 118 -14.55 -17.88 -4.35
CA GLU A 118 -14.49 -17.60 -5.79
C GLU A 118 -14.10 -16.14 -6.00
N ARG A 119 -13.67 -15.85 -7.23
CA ARG A 119 -13.14 -14.53 -7.57
C ARG A 119 -13.88 -13.94 -8.78
N TYR A 120 -14.07 -12.62 -8.73
CA TYR A 120 -14.81 -11.89 -9.77
C TYR A 120 -13.88 -10.97 -10.55
N GLU A 121 -14.10 -10.91 -11.86
CA GLU A 121 -13.28 -10.15 -12.81
C GLU A 121 -14.11 -9.00 -13.39
N PRO A 122 -13.99 -7.78 -12.86
CA PRO A 122 -14.92 -6.70 -13.27
C PRO A 122 -14.93 -6.40 -14.77
N GLU A 123 -13.78 -6.45 -15.45
CA GLU A 123 -13.82 -6.19 -16.89
C GLU A 123 -14.20 -7.42 -17.70
N ARG A 124 -14.42 -8.56 -17.04
CA ARG A 124 -14.92 -9.76 -17.71
C ARG A 124 -16.31 -10.20 -17.24
N ASP A 125 -16.81 -9.67 -16.12
CA ASP A 125 -18.06 -10.11 -15.49
C ASP A 125 -18.17 -11.63 -15.46
N GLU A 126 -17.15 -12.23 -14.84
CA GLU A 126 -17.09 -13.68 -14.64
C GLU A 126 -16.62 -13.98 -13.23
N TRP A 127 -17.18 -15.03 -12.64
CA TRP A 127 -16.68 -15.63 -11.42
C TRP A 127 -15.96 -16.93 -11.77
N HIS A 128 -14.93 -17.25 -10.99
CA HIS A 128 -14.28 -18.54 -11.06
C HIS A 128 -13.92 -19.00 -9.65
N LEU A 129 -14.08 -20.30 -9.40
CA LEU A 129 -13.60 -20.91 -8.18
C LEU A 129 -12.10 -20.68 -8.02
N VAL A 130 -11.66 -20.59 -6.76
CA VAL A 130 -10.25 -20.74 -6.41
C VAL A 130 -10.20 -21.71 -5.24
N ALA A 131 -9.03 -21.88 -4.63
CA ALA A 131 -8.86 -22.91 -3.60
C ALA A 131 -9.80 -22.65 -2.42
N PRO A 132 -10.41 -23.69 -1.87
CA PRO A 132 -11.25 -23.50 -0.69
C PRO A 132 -10.42 -23.25 0.56
N MET A 133 -11.06 -22.64 1.55
CA MET A 133 -10.41 -22.39 2.82
C MET A 133 -10.15 -23.70 3.56
N LEU A 134 -9.27 -23.63 4.54
CA LEU A 134 -9.09 -24.76 5.45
C LEU A 134 -10.34 -24.99 6.30
N THR A 135 -11.11 -23.92 6.54
CA THR A 135 -12.18 -23.87 7.53
C THR A 135 -13.47 -23.41 6.86
N ARG A 136 -14.60 -23.99 7.28
CA ARG A 136 -15.90 -23.43 6.90
C ARG A 136 -16.15 -22.19 7.73
N ARG A 137 -16.55 -21.10 7.09
CA ARG A 137 -16.65 -19.82 7.80
C ARG A 137 -17.80 -18.99 7.25
N ILE A 138 -18.76 -18.67 8.11
CA ILE A 138 -19.74 -17.63 7.85
C ILE A 138 -19.56 -16.57 8.93
N GLY A 139 -20.01 -15.35 8.61
CA GLY A 139 -19.71 -14.24 9.47
C GLY A 139 -18.23 -13.99 9.56
N VAL A 140 -17.51 -14.26 8.46
CA VAL A 140 -16.05 -14.19 8.40
C VAL A 140 -15.65 -12.77 8.00
N GLY A 141 -14.63 -12.24 8.67
CA GLY A 141 -14.04 -10.98 8.27
C GLY A 141 -12.90 -11.22 7.31
N VAL A 142 -12.75 -10.32 6.35
CA VAL A 142 -11.78 -10.48 5.27
C VAL A 142 -10.99 -9.19 5.16
N ALA A 143 -9.68 -9.32 4.93
CA ALA A 143 -8.79 -8.18 4.82
C ALA A 143 -7.70 -8.50 3.82
N VAL A 144 -7.13 -7.44 3.24
CA VAL A 144 -6.08 -7.54 2.24
C VAL A 144 -4.90 -6.75 2.77
N LEU A 145 -3.74 -7.40 2.84
CA LEU A 145 -2.52 -6.77 3.33
C LEU A 145 -1.38 -7.36 2.53
N ASN A 146 -0.60 -6.50 1.87
CA ASN A 146 0.49 -6.92 0.98
C ASN A 146 -0.01 -7.87 -0.12
N ARG A 147 -1.18 -7.56 -0.65
CA ARG A 147 -1.87 -8.35 -1.69
C ARG A 147 -2.07 -9.80 -1.28
N LEU A 148 -2.15 -10.09 0.01
CA LEU A 148 -2.56 -11.40 0.47
C LEU A 148 -3.94 -11.27 1.10
N LEU A 149 -4.74 -12.32 1.01
CA LEU A 149 -6.14 -12.29 1.46
C LEU A 149 -6.25 -13.07 2.76
N TYR A 150 -6.77 -12.41 3.80
CA TYR A 150 -6.89 -12.99 5.12
C TYR A 150 -8.36 -13.21 5.46
N ALA A 151 -8.69 -14.42 5.90
CA ALA A 151 -10.03 -14.77 6.36
C ALA A 151 -9.97 -14.91 7.87
N VAL A 152 -10.81 -14.16 8.59
CA VAL A 152 -10.62 -13.95 10.02
C VAL A 152 -11.90 -14.32 10.76
N GLY A 153 -11.80 -15.26 11.69
CA GLY A 153 -12.91 -15.56 12.58
C GLY A 153 -14.09 -16.16 11.83
N GLY A 154 -15.28 -15.98 12.39
CA GLY A 154 -16.47 -16.51 11.79
C GLY A 154 -17.02 -17.68 12.58
N PHE A 155 -17.81 -18.50 11.88
CA PHE A 155 -18.62 -19.56 12.48
C PHE A 155 -18.64 -20.74 11.53
N ASP A 156 -18.25 -21.94 11.99
CA ASP A 156 -18.22 -23.10 11.08
C ASP A 156 -19.52 -23.90 11.06
N GLY A 157 -20.56 -23.46 11.77
CA GLY A 157 -21.77 -24.21 11.95
C GLY A 157 -21.92 -24.78 13.34
N THR A 158 -20.81 -25.06 14.03
CA THR A 158 -20.91 -25.50 15.41
C THR A 158 -20.02 -24.67 16.35
N ASN A 159 -18.80 -24.29 15.93
CA ASN A 159 -17.95 -23.46 16.75
C ASN A 159 -17.79 -22.07 16.17
N ARG A 160 -17.69 -21.07 17.04
CA ARG A 160 -17.19 -19.77 16.64
C ARG A 160 -15.67 -19.75 16.71
N LEU A 161 -15.05 -18.93 15.85
CA LEU A 161 -13.66 -19.10 15.48
C LEU A 161 -12.82 -17.91 15.91
N ASN A 162 -11.64 -18.19 16.45
CA ASN A 162 -10.62 -17.15 16.55
C ASN A 162 -9.51 -17.39 15.53
N SER A 163 -9.62 -18.44 14.74
CA SER A 163 -8.57 -18.74 13.80
C SER A 163 -8.62 -17.77 12.62
N ALA A 164 -7.46 -17.56 12.02
CA ALA A 164 -7.36 -16.83 10.77
C ALA A 164 -6.48 -17.64 9.84
N GLU A 165 -6.69 -17.47 8.53
CA GLU A 165 -5.91 -18.13 7.51
C GLU A 165 -5.63 -17.17 6.37
N CYS A 166 -4.54 -17.43 5.66
CA CYS A 166 -4.03 -16.51 4.65
C CYS A 166 -4.09 -17.16 3.29
N TYR A 167 -4.58 -16.41 2.31
CA TYR A 167 -4.65 -16.85 0.94
C TYR A 167 -3.54 -16.19 0.11
N TYR A 168 -2.79 -17.02 -0.61
CA TYR A 168 -1.69 -16.54 -1.42
C TYR A 168 -2.07 -16.60 -2.89
N PRO A 169 -2.50 -15.51 -3.50
CA PRO A 169 -3.12 -15.63 -4.83
C PRO A 169 -2.17 -16.15 -5.89
N GLU A 170 -0.87 -15.92 -5.72
CA GLU A 170 0.10 -16.35 -6.71
C GLU A 170 0.53 -17.81 -6.53
N ARG A 171 0.08 -18.46 -5.46
CA ARG A 171 0.27 -19.88 -5.20
C ARG A 171 -1.04 -20.64 -5.00
N ASN A 172 -2.16 -19.93 -4.81
CA ASN A 172 -3.52 -20.48 -4.61
C ASN A 172 -3.57 -21.59 -3.56
N GLU A 173 -3.19 -21.23 -2.34
CA GLU A 173 -3.09 -22.20 -1.26
C GLU A 173 -3.46 -21.45 0.02
N TRP A 174 -4.32 -22.04 0.84
CA TRP A 174 -4.59 -21.39 2.09
C TRP A 174 -3.65 -21.88 3.17
N ARG A 175 -3.26 -20.97 4.07
CA ARG A 175 -2.33 -21.26 5.17
C ARG A 175 -2.87 -20.68 6.46
N MET A 176 -2.99 -21.52 7.49
CA MET A 176 -3.38 -21.07 8.81
C MET A 176 -2.32 -20.11 9.37
N ILE A 177 -2.76 -19.08 10.11
CA ILE A 177 -1.80 -18.21 10.78
C ILE A 177 -2.10 -18.22 12.28
N THR A 178 -1.49 -17.29 13.00
CA THR A 178 -1.72 -17.19 14.44
C THR A 178 -3.17 -16.79 14.70
N ALA A 179 -3.81 -17.49 15.63
CA ALA A 179 -5.19 -17.21 15.97
C ALA A 179 -5.30 -15.90 16.73
N MET A 180 -6.43 -15.22 16.57
CA MET A 180 -6.70 -14.05 17.41
C MET A 180 -6.72 -14.44 18.88
N ASN A 181 -6.56 -13.44 19.75
CA ASN A 181 -6.78 -13.73 21.15
C ASN A 181 -8.26 -13.95 21.49
N THR A 182 -9.19 -13.52 20.64
CA THR A 182 -10.62 -13.57 20.96
C THR A 182 -11.36 -14.30 19.87
N ILE A 183 -12.26 -15.21 20.28
CA ILE A 183 -13.22 -15.79 19.35
C ILE A 183 -14.18 -14.71 18.88
N ARG A 184 -14.33 -14.57 17.56
CA ARG A 184 -15.13 -13.49 16.97
C ARG A 184 -15.81 -13.96 15.69
N SER A 185 -17.14 -14.02 15.71
CA SER A 185 -17.94 -14.21 14.52
C SER A 185 -18.73 -12.93 14.33
N GLY A 186 -18.95 -12.54 13.07
CA GLY A 186 -19.62 -11.27 12.82
C GLY A 186 -18.87 -10.03 13.31
N ALA A 187 -17.54 -10.08 13.37
CA ALA A 187 -16.74 -8.92 13.72
C ALA A 187 -16.66 -7.98 12.52
N GLY A 188 -16.16 -6.75 12.79
CA GLY A 188 -15.72 -5.87 11.74
C GLY A 188 -14.23 -6.07 11.57
N VAL A 189 -13.84 -6.48 10.36
CA VAL A 189 -12.43 -6.72 10.05
C VAL A 189 -12.01 -5.76 8.94
N CYS A 190 -10.91 -5.04 9.15
CA CYS A 190 -10.36 -4.17 8.12
C CYS A 190 -8.86 -4.05 8.33
N VAL A 191 -8.23 -3.17 7.54
CA VAL A 191 -6.80 -2.91 7.57
C VAL A 191 -6.62 -1.41 7.80
N LEU A 192 -5.84 -1.05 8.81
CA LEU A 192 -5.49 0.35 9.04
C LEU A 192 -4.05 0.42 9.53
N HIS A 193 -3.35 1.48 9.13
CA HIS A 193 -1.90 1.48 9.19
C HIS A 193 -1.49 0.25 8.40
N ASN A 194 -0.79 -0.67 9.03
CA ASN A 194 -0.50 -1.96 8.43
C ASN A 194 -0.77 -3.07 9.43
N CYS A 195 -1.99 -3.07 9.98
CA CYS A 195 -2.46 -4.10 10.89
C CYS A 195 -3.87 -4.50 10.47
N ILE A 196 -4.17 -5.80 10.59
CA ILE A 196 -5.52 -6.30 10.41
C ILE A 196 -6.24 -6.08 11.72
N TYR A 197 -7.32 -5.29 11.68
CA TYR A 197 -8.09 -4.99 12.87
C TYR A 197 -9.32 -5.88 12.91
N ALA A 198 -9.65 -6.38 14.10
CA ALA A 198 -10.86 -7.15 14.31
C ALA A 198 -11.60 -6.49 15.47
N ALA A 199 -12.78 -5.94 15.19
CA ALA A 199 -13.50 -5.14 16.17
C ALA A 199 -14.83 -5.80 16.46
N GLY A 200 -15.13 -5.97 17.74
CA GLY A 200 -16.43 -6.50 18.15
C GLY A 200 -16.61 -7.95 17.72
N GLY A 201 -17.87 -8.32 17.51
CA GLY A 201 -18.22 -9.67 17.17
C GLY A 201 -19.04 -10.33 18.27
N TYR A 202 -19.30 -11.61 18.06
CA TYR A 202 -20.03 -12.44 19.00
C TYR A 202 -19.22 -13.70 19.22
N ASP A 203 -18.99 -14.07 20.48
CA ASP A 203 -18.20 -15.26 20.79
C ASP A 203 -19.05 -16.46 21.19
N GLY A 204 -20.35 -16.41 20.96
CA GLY A 204 -21.25 -17.48 21.35
C GLY A 204 -21.91 -17.28 22.70
N GLN A 205 -21.50 -16.26 23.46
CA GLN A 205 -22.13 -15.95 24.75
C GLN A 205 -22.57 -14.49 24.82
N ASP A 206 -21.75 -13.60 24.25
CA ASP A 206 -21.95 -12.17 24.43
C ASP A 206 -21.36 -11.45 23.24
N GLN A 207 -21.96 -10.32 22.87
CA GLN A 207 -21.32 -9.42 21.92
C GLN A 207 -20.09 -8.80 22.57
N LEU A 208 -19.12 -8.46 21.75
CA LEU A 208 -17.85 -7.95 22.23
C LEU A 208 -17.70 -6.48 21.89
N ASN A 209 -17.05 -5.74 22.78
CA ASN A 209 -16.57 -4.41 22.45
C ASN A 209 -15.05 -4.36 22.35
N SER A 210 -14.34 -5.47 22.57
CA SER A 210 -12.89 -5.44 22.46
C SER A 210 -12.47 -5.37 20.98
N VAL A 211 -11.23 -4.95 20.76
CA VAL A 211 -10.67 -4.75 19.43
C VAL A 211 -9.20 -5.17 19.48
N GLU A 212 -8.76 -5.97 18.51
CA GLU A 212 -7.35 -6.36 18.43
C GLU A 212 -6.87 -6.22 17.00
N ARG A 213 -5.55 -6.19 16.85
CA ARG A 213 -4.91 -5.95 15.56
C ARG A 213 -3.71 -6.87 15.34
N TYR A 214 -3.56 -7.29 14.09
CA TYR A 214 -2.55 -8.27 13.71
C TYR A 214 -1.38 -7.60 13.00
N ASP A 215 -0.18 -7.81 13.52
CA ASP A 215 1.04 -7.34 12.88
C ASP A 215 1.64 -8.51 12.13
N VAL A 216 1.80 -8.36 10.80
CA VAL A 216 2.29 -9.47 10.00
C VAL A 216 3.73 -9.83 10.39
N GLU A 217 4.63 -8.83 10.43
CA GLU A 217 6.05 -9.14 10.62
C GLU A 217 6.31 -9.88 11.93
N THR A 218 5.58 -9.56 12.99
CA THR A 218 5.78 -10.26 14.26
C THR A 218 4.77 -11.37 14.49
N GLU A 219 3.86 -11.60 13.55
CA GLU A 219 2.74 -12.54 13.65
C GLU A 219 2.11 -12.50 15.03
N THR A 220 1.68 -11.30 15.43
CA THR A 220 1.17 -11.06 16.77
C THR A 220 -0.13 -10.25 16.71
N TRP A 221 -1.12 -10.70 17.48
CA TRP A 221 -2.36 -9.96 17.71
C TRP A 221 -2.24 -9.22 19.03
N THR A 222 -2.55 -7.94 19.03
CA THR A 222 -2.49 -7.09 20.21
C THR A 222 -3.81 -6.34 20.34
N PHE A 223 -4.33 -6.25 21.58
CA PHE A 223 -5.57 -5.54 21.87
C PHE A 223 -5.35 -4.05 21.95
N VAL A 224 -6.29 -3.30 21.39
CA VAL A 224 -6.23 -1.86 21.51
C VAL A 224 -7.44 -1.39 22.31
N ALA A 225 -7.72 -0.10 22.26
CA ALA A 225 -8.83 0.46 23.02
C ALA A 225 -10.13 -0.18 22.57
N PRO A 226 -11.02 -0.55 23.49
CA PRO A 226 -12.30 -1.14 23.10
C PRO A 226 -13.30 -0.07 22.72
N MET A 227 -14.25 -0.46 21.85
CA MET A 227 -15.35 0.44 21.56
C MET A 227 -16.18 0.69 22.81
N LYS A 228 -17.03 1.71 22.75
CA LYS A 228 -17.92 1.91 23.89
C LYS A 228 -19.06 0.91 23.92
N HIS A 229 -19.56 0.50 22.75
CA HIS A 229 -20.75 -0.34 22.66
C HIS A 229 -20.42 -1.67 22.02
N ARG A 230 -20.73 -2.76 22.73
CA ARG A 230 -20.66 -4.10 22.18
C ARG A 230 -21.47 -4.18 20.89
N ARG A 231 -20.94 -4.90 19.90
CA ARG A 231 -21.72 -5.12 18.68
C ARG A 231 -21.16 -6.29 17.91
N SER A 232 -22.06 -7.02 17.26
CA SER A 232 -21.73 -7.97 16.20
C SER A 232 -22.56 -7.62 14.98
N ALA A 233 -22.24 -8.25 13.85
CA ALA A 233 -22.87 -7.95 12.56
C ALA A 233 -22.80 -6.45 12.25
N LEU A 234 -21.64 -5.86 12.46
CA LEU A 234 -21.42 -4.44 12.21
C LEU A 234 -20.79 -4.21 10.84
N GLY A 235 -21.01 -3.01 10.32
CA GLY A 235 -20.26 -2.57 9.17
C GLY A 235 -18.98 -1.90 9.64
N ILE A 236 -17.94 -1.97 8.82
CA ILE A 236 -16.69 -1.34 9.19
C ILE A 236 -15.98 -0.83 7.94
N THR A 237 -15.32 0.31 8.09
CA THR A 237 -14.47 0.85 7.06
C THR A 237 -13.50 1.83 7.71
N VAL A 238 -12.47 2.18 6.97
CA VAL A 238 -11.55 3.22 7.42
C VAL A 238 -11.64 4.39 6.45
N HIS A 239 -11.73 5.58 7.02
CA HIS A 239 -11.85 6.85 6.30
C HIS A 239 -10.88 7.81 6.98
N GLN A 240 -10.01 8.44 6.18
CA GLN A 240 -9.05 9.43 6.68
C GLN A 240 -8.19 8.84 7.79
N GLY A 241 -7.77 7.59 7.63
CA GLY A 241 -6.90 6.95 8.59
C GLY A 241 -7.53 6.75 9.95
N ARG A 242 -8.85 6.61 10.00
CA ARG A 242 -9.60 6.38 11.22
C ARG A 242 -10.64 5.31 10.98
N ILE A 243 -10.87 4.48 11.99
CA ILE A 243 -11.80 3.36 11.86
C ILE A 243 -13.19 3.84 12.21
N TYR A 244 -14.15 3.55 11.34
CA TYR A 244 -15.56 3.75 11.65
C TYR A 244 -16.27 2.41 11.65
N VAL A 245 -17.08 2.18 12.67
CA VAL A 245 -17.93 1.02 12.75
C VAL A 245 -19.37 1.48 12.82
N LEU A 246 -20.25 0.74 12.13
CA LEU A 246 -21.61 1.20 11.82
C LEU A 246 -22.62 0.16 12.27
N GLY A 247 -23.54 0.57 13.14
CA GLY A 247 -24.66 -0.27 13.53
C GLY A 247 -24.24 -1.58 14.18
N GLY A 248 -24.94 -2.65 13.81
CA GLY A 248 -24.75 -3.94 14.42
C GLY A 248 -25.87 -4.26 15.41
N TYR A 249 -25.73 -5.43 16.01
CA TYR A 249 -26.66 -5.95 17.01
C TYR A 249 -25.92 -6.15 18.32
N ASP A 250 -26.52 -5.73 19.43
CA ASP A 250 -25.84 -5.87 20.72
C ASP A 250 -26.47 -6.94 21.60
N GLY A 251 -27.28 -7.83 21.02
CA GLY A 251 -27.99 -8.84 21.77
C GLY A 251 -29.36 -8.42 22.26
N HIS A 252 -29.69 -7.15 22.19
CA HIS A 252 -30.99 -6.58 22.55
C HIS A 252 -31.50 -5.59 21.51
N THR A 253 -30.61 -4.80 20.91
CA THR A 253 -30.97 -3.63 20.14
C THR A 253 -30.27 -3.70 18.79
N PHE A 254 -30.91 -3.14 17.76
CA PHE A 254 -30.25 -2.89 16.49
C PHE A 254 -29.64 -1.51 16.56
N LEU A 255 -28.31 -1.43 16.51
CA LEU A 255 -27.61 -0.21 16.87
C LEU A 255 -27.63 0.79 15.72
N ASP A 256 -27.83 2.07 16.06
CA ASP A 256 -27.55 3.14 15.11
C ASP A 256 -26.27 3.88 15.43
N SER A 257 -25.60 3.55 16.55
CA SER A 257 -24.35 4.19 16.92
C SER A 257 -23.28 3.96 15.86
N VAL A 258 -22.55 5.02 15.53
CA VAL A 258 -21.37 4.96 14.68
C VAL A 258 -20.21 5.49 15.50
N GLU A 259 -19.20 4.64 15.72
CA GLU A 259 -18.06 4.97 16.54
C GLU A 259 -16.82 5.20 15.67
N CYS A 260 -15.90 6.01 16.17
CA CYS A 260 -14.67 6.32 15.46
C CYS A 260 -13.44 6.10 16.35
N TYR A 261 -12.51 5.33 15.83
CA TYR A 261 -11.26 5.01 16.52
C TYR A 261 -10.15 5.85 15.90
N ASP A 262 -9.48 6.66 16.72
CA ASP A 262 -8.29 7.35 16.26
C ASP A 262 -7.08 6.56 16.71
N PRO A 263 -6.25 6.07 15.79
CA PRO A 263 -5.14 5.21 16.20
C PRO A 263 -4.02 5.96 16.91
N ASP A 264 -3.88 7.27 16.70
CA ASP A 264 -2.82 8.03 17.36
C ASP A 264 -3.07 8.18 18.86
N THR A 265 -4.32 8.30 19.27
CA THR A 265 -4.64 8.41 20.70
C THR A 265 -5.15 7.11 21.29
N ASP A 266 -5.43 6.09 20.47
CA ASP A 266 -6.04 4.85 20.93
C ASP A 266 -7.34 5.13 21.71
N THR A 267 -8.24 5.88 21.07
CA THR A 267 -9.51 6.23 21.69
C THR A 267 -10.64 6.08 20.69
N TRP A 268 -11.79 5.64 21.18
CA TRP A 268 -13.01 5.57 20.39
C TRP A 268 -13.92 6.72 20.79
N SER A 269 -14.59 7.33 19.80
CA SER A 269 -15.58 8.36 20.10
C SER A 269 -16.75 8.25 19.13
N GLU A 270 -17.95 8.51 19.63
CA GLU A 270 -19.14 8.35 18.80
C GLU A 270 -19.29 9.58 17.91
N VAL A 271 -19.44 9.35 16.62
CA VAL A 271 -19.43 10.44 15.66
C VAL A 271 -20.82 10.80 15.15
N THR A 272 -21.75 9.86 15.11
CA THR A 272 -23.07 10.08 14.55
C THR A 272 -23.97 8.92 14.96
N ARG A 273 -25.23 9.03 14.58
CA ARG A 273 -26.17 7.93 14.63
C ARG A 273 -26.68 7.72 13.22
N MET A 274 -26.79 6.46 12.81
CA MET A 274 -27.38 6.19 11.50
C MET A 274 -28.83 6.68 11.49
N THR A 275 -29.42 6.71 10.29
CA THR A 275 -30.83 7.10 10.18
C THR A 275 -31.70 6.25 11.10
N SER A 276 -31.36 4.96 11.23
CA SER A 276 -32.09 3.99 12.02
C SER A 276 -31.16 2.82 12.27
N GLY A 277 -31.31 2.18 13.41
CA GLY A 277 -30.46 1.04 13.74
C GLY A 277 -30.64 -0.11 12.76
N ARG A 278 -29.54 -0.79 12.46
CA ARG A 278 -29.58 -1.94 11.56
C ARG A 278 -28.30 -2.73 11.70
N SER A 279 -28.38 -4.03 11.40
CA SER A 279 -27.23 -4.90 11.41
C SER A 279 -27.01 -5.47 10.02
N GLY A 280 -25.84 -6.08 9.82
CA GLY A 280 -25.54 -6.84 8.62
C GLY A 280 -25.44 -6.05 7.35
N VAL A 281 -24.84 -4.85 7.39
CA VAL A 281 -24.76 -3.99 6.22
C VAL A 281 -23.51 -4.29 5.41
N GLY A 282 -23.47 -3.78 4.18
CA GLY A 282 -22.24 -3.73 3.42
C GLY A 282 -21.72 -2.31 3.40
N VAL A 283 -20.46 -2.14 3.80
CA VAL A 283 -19.88 -0.80 3.90
C VAL A 283 -18.61 -0.75 3.05
N ALA A 284 -18.41 0.40 2.40
CA ALA A 284 -17.21 0.74 1.62
C ALA A 284 -17.22 2.26 1.43
N VAL A 285 -16.10 2.80 1.00
CA VAL A 285 -15.92 4.24 0.87
C VAL A 285 -15.61 4.58 -0.58
N THR A 286 -16.32 5.59 -1.11
CA THR A 286 -15.94 6.29 -2.35
C THR A 286 -16.60 7.66 -2.45
N GLY B 2 2.20 9.96 -22.43
CA GLY B 2 3.58 9.82 -22.88
C GLY B 2 4.59 10.22 -21.81
N ARG B 3 5.36 9.27 -21.30
CA ARG B 3 6.25 9.51 -20.17
C ARG B 3 7.69 9.21 -20.53
N LEU B 4 8.61 9.96 -19.93
CA LEU B 4 10.04 9.86 -20.19
C LEU B 4 10.79 9.58 -18.90
N ILE B 5 12.04 9.17 -19.08
CA ILE B 5 12.96 8.89 -17.96
C ILE B 5 13.86 10.11 -17.79
N TYR B 6 13.73 10.81 -16.68
CA TYR B 6 14.48 12.04 -16.42
C TYR B 6 15.68 11.73 -15.52
N THR B 7 16.87 12.18 -15.92
CA THR B 7 18.07 12.07 -15.08
C THR B 7 18.55 13.49 -14.75
N ALA B 8 18.68 13.79 -13.46
CA ALA B 8 19.14 15.12 -13.06
C ALA B 8 20.50 15.03 -12.37
N GLY B 9 21.37 16.00 -12.64
CA GLY B 9 22.63 16.05 -11.92
C GLY B 9 23.56 14.90 -12.27
N GLY B 10 24.39 14.54 -11.30
CA GLY B 10 25.39 13.52 -11.50
C GLY B 10 26.79 14.04 -11.23
N TYR B 11 27.75 13.14 -11.44
CA TYR B 11 29.16 13.44 -11.24
C TYR B 11 29.94 12.89 -12.41
N PHE B 12 30.74 13.73 -13.03
CA PHE B 12 31.75 13.25 -13.97
C PHE B 12 32.90 14.25 -13.85
N ARG B 13 33.84 13.96 -12.92
CA ARG B 13 35.00 14.81 -12.58
C ARG B 13 34.61 16.12 -11.87
N GLN B 14 33.31 16.42 -11.81
CA GLN B 14 32.76 17.58 -11.12
C GLN B 14 31.27 17.29 -10.98
N SER B 15 30.56 17.90 -10.03
CA SER B 15 29.11 17.71 -10.03
C SER B 15 28.48 18.40 -11.24
N LEU B 16 27.36 17.86 -11.72
CA LEU B 16 26.78 18.29 -12.97
C LEU B 16 25.42 18.95 -12.74
N SER B 17 25.01 19.77 -13.71
CA SER B 17 23.72 20.43 -13.70
C SER B 17 22.75 19.86 -14.71
N TYR B 18 23.09 18.75 -15.38
CA TYR B 18 22.29 18.33 -16.52
C TYR B 18 20.90 17.89 -16.08
N LEU B 19 19.91 18.24 -16.87
CA LEU B 19 18.60 17.58 -16.80
C LEU B 19 18.27 17.09 -18.20
N GLU B 20 18.18 15.77 -18.35
CA GLU B 20 17.97 15.12 -19.63
C GLU B 20 16.89 14.06 -19.45
N ALA B 21 16.16 13.79 -20.53
CA ALA B 21 15.00 12.90 -20.44
C ALA B 21 15.02 11.92 -21.60
N TYR B 22 14.97 10.63 -21.26
CA TYR B 22 15.10 9.56 -22.24
C TYR B 22 13.73 9.09 -22.72
N ASN B 23 13.56 9.01 -24.03
CA ASN B 23 12.33 8.46 -24.60
C ASN B 23 12.59 7.00 -24.96
N PRO B 24 12.07 6.02 -24.19
CA PRO B 24 12.38 4.62 -24.52
C PRO B 24 11.84 4.16 -25.86
N SER B 25 10.83 4.81 -26.42
CA SER B 25 10.35 4.33 -27.72
C SER B 25 11.11 4.95 -28.90
N ASP B 26 11.35 6.27 -28.92
CA ASP B 26 12.03 6.84 -30.09
C ASP B 26 13.53 7.02 -29.85
N GLY B 27 14.01 6.73 -28.65
CA GLY B 27 15.43 6.66 -28.40
C GLY B 27 16.12 7.96 -28.05
N THR B 28 15.41 9.09 -28.06
CA THR B 28 16.09 10.38 -27.91
C THR B 28 16.41 10.68 -26.45
N TRP B 29 17.42 11.53 -26.26
CA TRP B 29 17.65 12.25 -25.01
C TRP B 29 17.30 13.71 -25.25
N LEU B 30 16.36 14.23 -24.46
CA LEU B 30 15.98 15.63 -24.50
C LEU B 30 16.79 16.40 -23.47
N ARG B 31 17.41 17.50 -23.89
CA ARG B 31 18.14 18.36 -22.97
C ARG B 31 17.20 19.43 -22.46
N LEU B 32 17.05 19.51 -21.15
CA LEU B 32 16.06 20.36 -20.49
C LEU B 32 16.77 21.43 -19.68
N ALA B 33 16.01 22.19 -18.91
CA ALA B 33 16.60 23.26 -18.09
C ALA B 33 17.61 22.71 -17.09
N ASP B 34 18.77 23.34 -17.02
CA ASP B 34 19.81 22.99 -16.04
C ASP B 34 19.29 23.18 -14.63
N LEU B 35 19.71 22.28 -13.73
CA LEU B 35 19.60 22.53 -12.30
C LEU B 35 20.17 23.90 -11.95
N GLN B 36 19.62 24.53 -10.91
CA GLN B 36 20.14 25.82 -10.47
C GLN B 36 21.56 25.68 -9.93
N VAL B 37 21.84 24.56 -9.27
CA VAL B 37 23.14 24.29 -8.64
C VAL B 37 23.58 22.88 -9.06
N PRO B 38 24.79 22.73 -9.60
CA PRO B 38 25.30 21.38 -9.89
C PRO B 38 25.28 20.51 -8.64
N ARG B 39 24.76 19.29 -8.75
CA ARG B 39 24.68 18.37 -7.62
C ARG B 39 24.93 16.93 -8.05
N SER B 40 25.69 16.18 -7.24
CA SER B 40 25.82 14.74 -7.36
C SER B 40 25.35 14.11 -6.07
N GLY B 41 25.05 12.81 -6.12
CA GLY B 41 24.57 12.10 -4.95
C GLY B 41 23.20 12.52 -4.48
N LEU B 42 22.41 13.11 -5.36
CA LEU B 42 21.03 13.49 -5.08
C LEU B 42 20.10 12.35 -5.42
N ALA B 43 18.83 12.52 -5.08
CA ALA B 43 17.78 11.61 -5.50
C ALA B 43 16.72 12.42 -6.24
N GLY B 44 15.97 11.74 -7.12
CA GLY B 44 14.84 12.35 -7.80
C GLY B 44 13.58 11.59 -7.45
N CYS B 45 12.45 12.29 -7.49
CA CYS B 45 11.16 11.60 -7.42
C CYS B 45 10.13 12.51 -8.05
N VAL B 46 8.89 12.02 -8.11
CA VAL B 46 7.80 12.71 -8.77
C VAL B 46 6.59 12.67 -7.85
N VAL B 47 6.02 13.84 -7.56
CA VAL B 47 4.73 13.94 -6.89
C VAL B 47 3.83 14.86 -7.72
N GLY B 48 2.60 14.43 -7.97
CA GLY B 48 1.69 15.24 -8.78
C GLY B 48 2.29 15.69 -10.09
N GLY B 49 3.08 14.83 -10.73
CA GLY B 49 3.65 15.14 -12.03
C GLY B 49 4.87 16.03 -12.01
N LEU B 50 5.23 16.61 -10.87
CA LEU B 50 6.39 17.48 -10.80
C LEU B 50 7.63 16.67 -10.39
N LEU B 51 8.77 16.99 -11.00
CA LEU B 51 10.01 16.29 -10.69
C LEU B 51 10.76 17.05 -9.59
N TYR B 52 11.11 16.33 -8.52
CA TYR B 52 11.85 16.92 -7.41
C TYR B 52 13.29 16.40 -7.40
N ALA B 53 14.25 17.30 -7.15
CA ALA B 53 15.65 16.94 -6.94
C ALA B 53 16.00 17.20 -5.48
N VAL B 54 16.43 16.16 -4.76
CA VAL B 54 16.55 16.20 -3.31
C VAL B 54 17.99 15.98 -2.89
N GLY B 55 18.55 16.93 -2.14
CA GLY B 55 19.84 16.74 -1.51
C GLY B 55 20.99 16.71 -2.49
N GLY B 56 22.02 15.96 -2.13
CA GLY B 56 23.20 15.84 -2.95
C GLY B 56 24.38 16.64 -2.43
N ARG B 57 25.28 16.96 -3.37
CA ARG B 57 26.51 17.63 -3.01
C ARG B 57 27.03 18.37 -4.23
N ASN B 58 27.52 19.58 -4.03
CA ASN B 58 28.11 20.37 -5.11
C ASN B 58 29.63 20.24 -5.01
N ASN B 59 30.21 19.37 -5.85
CA ASN B 59 31.65 19.27 -6.00
C ASN B 59 32.06 20.17 -7.16
N SER B 60 32.83 21.20 -6.86
CA SER B 60 33.22 22.20 -7.84
C SER B 60 34.71 22.42 -7.77
N PRO B 61 35.33 22.92 -8.85
CA PRO B 61 36.72 23.37 -8.74
C PRO B 61 36.91 24.45 -7.68
N ASP B 62 35.85 25.18 -7.32
CA ASP B 62 35.93 26.26 -6.32
C ASP B 62 35.65 25.78 -4.90
N GLY B 63 35.18 24.56 -4.71
CA GLY B 63 34.85 24.09 -3.38
C GLY B 63 33.80 23.01 -3.44
N ASN B 64 33.52 22.45 -2.26
CA ASN B 64 32.59 21.34 -2.15
C ASN B 64 31.66 21.62 -0.99
N THR B 65 30.36 21.39 -1.21
CA THR B 65 29.40 21.62 -0.15
C THR B 65 28.25 20.63 -0.34
N ASP B 66 27.92 19.89 0.73
CA ASP B 66 26.71 19.08 0.67
C ASP B 66 25.48 19.99 0.58
N SER B 67 24.37 19.42 0.16
CA SER B 67 23.20 20.22 -0.17
C SER B 67 22.00 19.73 0.64
N SER B 68 21.30 20.67 1.25
CA SER B 68 19.98 20.40 1.82
C SER B 68 18.84 20.72 0.86
N ALA B 69 19.14 21.06 -0.39
CA ALA B 69 18.17 21.73 -1.25
C ALA B 69 17.09 20.79 -1.76
N LEU B 70 15.87 21.30 -1.84
CA LEU B 70 14.79 20.67 -2.60
C LEU B 70 14.41 21.60 -3.74
N ASP B 71 14.37 21.06 -4.95
CA ASP B 71 14.08 21.87 -6.13
C ASP B 71 13.07 21.13 -6.99
N CYS B 72 12.20 21.88 -7.67
CA CYS B 72 11.04 21.31 -8.34
C CYS B 72 11.05 21.67 -9.82
N TYR B 73 11.01 20.66 -10.68
CA TYR B 73 10.97 20.88 -12.12
C TYR B 73 9.57 20.62 -12.66
N ASN B 74 9.05 21.56 -13.46
CA ASN B 74 7.74 21.42 -14.07
C ASN B 74 7.87 21.22 -15.58
N PRO B 75 7.56 20.02 -16.08
CA PRO B 75 7.71 19.77 -17.53
C PRO B 75 6.87 20.66 -18.42
N MET B 76 5.82 21.28 -17.89
CA MET B 76 5.01 22.13 -18.75
C MET B 76 5.55 23.54 -18.85
N THR B 77 6.38 23.97 -17.90
CA THR B 77 7.10 25.23 -18.03
C THR B 77 8.57 25.04 -18.38
N ASN B 78 9.11 23.83 -18.26
CA ASN B 78 10.55 23.59 -18.41
C ASN B 78 11.34 24.59 -17.56
N GLN B 79 10.92 24.70 -16.29
CA GLN B 79 11.52 25.62 -15.34
C GLN B 79 11.67 24.93 -13.99
N TRP B 80 12.80 25.21 -13.32
CA TRP B 80 13.03 24.78 -11.95
C TRP B 80 12.52 25.84 -10.99
N SER B 81 11.96 25.40 -9.87
CA SER B 81 11.67 26.36 -8.81
C SER B 81 12.18 25.79 -7.50
N PRO B 82 12.80 26.61 -6.66
CA PRO B 82 13.22 26.12 -5.34
C PRO B 82 12.03 25.87 -4.44
N CYS B 83 12.21 24.89 -3.54
CA CYS B 83 11.32 24.62 -2.42
C CYS B 83 12.05 24.91 -1.11
N ALA B 84 11.32 24.75 -0.01
CA ALA B 84 11.96 24.82 1.29
C ALA B 84 12.98 23.69 1.40
N PRO B 85 14.11 23.93 2.06
CA PRO B 85 15.15 22.91 2.18
C PRO B 85 14.94 22.00 3.38
N MET B 86 15.67 20.88 3.37
CA MET B 86 15.68 19.97 4.50
C MET B 86 16.34 20.62 5.71
N SER B 87 16.18 19.96 6.85
CA SER B 87 16.79 20.43 8.09
C SER B 87 18.31 20.33 8.05
N VAL B 88 18.85 19.41 7.23
CA VAL B 88 20.30 19.22 7.14
C VAL B 88 20.66 18.88 5.71
N PRO B 89 21.90 19.17 5.31
CA PRO B 89 22.40 18.66 4.02
C PRO B 89 22.50 17.14 4.02
N ARG B 90 22.20 16.55 2.85
CA ARG B 90 22.16 15.09 2.71
C ARG B 90 22.77 14.70 1.37
N ASN B 91 24.06 14.35 1.39
CA ASN B 91 24.72 13.80 0.23
C ASN B 91 24.50 12.29 0.20
N ARG B 92 24.30 11.73 -0.99
CA ARG B 92 24.07 10.28 -1.16
C ARG B 92 22.83 9.84 -0.39
N ILE B 93 21.80 10.62 -0.60
CA ILE B 93 20.51 10.47 0.05
C ILE B 93 19.72 9.37 -0.66
N GLY B 94 18.72 8.82 0.04
CA GLY B 94 17.66 8.05 -0.58
C GLY B 94 16.32 8.70 -0.29
N VAL B 95 15.41 8.65 -1.26
CA VAL B 95 14.09 9.21 -1.03
C VAL B 95 13.03 8.22 -1.48
N GLY B 96 11.84 8.36 -0.89
CA GLY B 96 10.66 7.68 -1.38
C GLY B 96 9.43 8.54 -1.16
N VAL B 97 8.36 8.17 -1.86
CA VAL B 97 7.11 8.93 -1.83
C VAL B 97 6.03 8.06 -1.23
N ILE B 98 5.36 8.57 -0.19
CA ILE B 98 4.17 7.95 0.37
C ILE B 98 3.06 8.98 0.48
N ASP B 99 1.91 8.67 -0.11
CA ASP B 99 0.71 9.52 0.04
C ASP B 99 1.00 10.96 -0.36
N GLY B 100 1.71 11.14 -1.46
CA GLY B 100 2.02 12.49 -1.92
C GLY B 100 3.01 13.25 -1.06
N HIS B 101 3.75 12.57 -0.19
CA HIS B 101 4.73 13.20 0.68
C HIS B 101 6.10 12.57 0.40
N ILE B 102 7.15 13.40 0.44
CA ILE B 102 8.51 12.97 0.09
C ILE B 102 9.27 12.69 1.37
N TYR B 103 9.83 11.51 1.46
CA TYR B 103 10.61 11.09 2.62
C TYR B 103 12.09 11.10 2.25
N ALA B 104 12.86 11.94 2.94
CA ALA B 104 14.30 12.04 2.77
C ALA B 104 15.00 11.18 3.81
N VAL B 105 15.87 10.27 3.36
CA VAL B 105 16.42 9.22 4.22
C VAL B 105 17.95 9.26 4.21
N GLY B 106 18.55 9.46 5.39
CA GLY B 106 19.96 9.14 5.51
C GLY B 106 20.87 10.15 4.82
N GLY B 107 22.00 9.66 4.31
CA GLY B 107 22.98 10.52 3.66
C GLY B 107 24.03 11.04 4.63
N SER B 108 24.94 11.85 4.10
CA SER B 108 26.02 12.39 4.91
C SER B 108 26.05 13.91 4.79
N HIS B 109 26.58 14.53 5.85
CA HIS B 109 26.93 15.94 5.90
C HIS B 109 28.33 16.05 6.50
N GLY B 110 29.34 16.19 5.66
CA GLY B 110 30.71 16.18 6.18
C GLY B 110 30.97 14.82 6.81
N CYS B 111 31.46 14.83 8.06
CA CYS B 111 31.68 13.58 8.78
C CYS B 111 30.41 13.01 9.40
N ILE B 112 29.28 13.72 9.32
CA ILE B 112 28.06 13.23 9.95
C ILE B 112 27.42 12.23 9.01
N HIS B 113 27.13 11.04 9.53
CA HIS B 113 26.41 10.00 8.82
C HIS B 113 25.02 9.93 9.42
N HIS B 114 23.99 10.21 8.62
CA HIS B 114 22.65 10.40 9.16
C HIS B 114 21.94 9.08 9.35
N ASN B 115 21.29 8.92 10.51
CA ASN B 115 20.16 8.01 10.60
C ASN B 115 18.83 8.75 10.54
N SER B 116 18.86 10.07 10.57
CA SER B 116 17.62 10.85 10.62
C SER B 116 16.87 10.78 9.29
N VAL B 117 15.56 10.99 9.38
CA VAL B 117 14.62 10.90 8.27
C VAL B 117 13.65 12.07 8.39
N GLU B 118 13.29 12.70 7.28
CA GLU B 118 12.31 13.78 7.34
C GLU B 118 11.38 13.71 6.14
N ARG B 119 10.25 14.38 6.29
CA ARG B 119 9.10 14.24 5.39
C ARG B 119 8.71 15.61 4.85
N TYR B 120 8.56 15.71 3.53
CA TYR B 120 8.19 16.96 2.87
C TYR B 120 6.73 16.90 2.45
N GLU B 121 6.00 17.99 2.69
CA GLU B 121 4.60 18.10 2.32
C GLU B 121 4.43 19.13 1.21
N PRO B 122 4.23 18.71 -0.04
CA PRO B 122 4.16 19.70 -1.13
C PRO B 122 3.09 20.75 -0.96
N GLU B 123 1.97 20.43 -0.31
CA GLU B 123 0.92 21.44 -0.23
C GLU B 123 1.27 22.54 0.77
N ARG B 124 2.09 22.27 1.78
CA ARG B 124 2.47 23.32 2.72
C ARG B 124 3.90 23.83 2.51
N ASP B 125 4.67 23.22 1.60
CA ASP B 125 6.10 23.52 1.44
C ASP B 125 6.80 23.55 2.80
N GLU B 126 6.75 22.39 3.49
CA GLU B 126 7.25 22.24 4.85
C GLU B 126 7.84 20.84 5.01
N TRP B 127 9.02 20.78 5.63
CA TRP B 127 9.66 19.54 6.05
C TRP B 127 9.47 19.35 7.55
N HIS B 128 9.32 18.09 7.96
CA HIS B 128 9.25 17.77 9.38
C HIS B 128 10.03 16.50 9.65
N LEU B 129 10.81 16.51 10.74
CA LEU B 129 11.53 15.31 11.17
C LEU B 129 10.53 14.22 11.50
N VAL B 130 10.90 12.97 11.19
CA VAL B 130 10.14 11.84 11.71
C VAL B 130 11.12 10.91 12.40
N ALA B 131 10.67 9.71 12.74
CA ALA B 131 11.51 8.80 13.51
C ALA B 131 12.80 8.49 12.76
N PRO B 132 13.95 8.56 13.41
CA PRO B 132 15.20 8.20 12.73
C PRO B 132 15.30 6.70 12.55
N MET B 133 16.04 6.29 11.51
CA MET B 133 16.31 4.88 11.26
C MET B 133 17.06 4.26 12.43
N LEU B 134 17.05 2.92 12.46
CA LEU B 134 17.84 2.17 13.43
C LEU B 134 19.33 2.25 13.12
N THR B 135 19.68 2.64 11.90
CA THR B 135 21.02 2.60 11.35
C THR B 135 21.36 3.90 10.64
N ARG B 136 22.60 4.36 10.78
CA ARG B 136 23.12 5.43 9.96
C ARG B 136 23.46 4.89 8.58
N ARG B 137 22.94 5.51 7.53
CA ARG B 137 23.04 4.94 6.18
C ARG B 137 23.36 6.06 5.20
N ILE B 138 24.55 6.04 4.64
CA ILE B 138 24.93 6.85 3.51
C ILE B 138 24.81 5.97 2.28
N GLY B 139 24.46 6.56 1.14
CA GLY B 139 24.33 5.75 -0.06
C GLY B 139 23.27 4.69 0.11
N VAL B 140 22.18 5.05 0.79
CA VAL B 140 21.08 4.14 1.11
C VAL B 140 20.12 4.09 -0.07
N GLY B 141 19.66 2.88 -0.42
CA GLY B 141 18.62 2.74 -1.42
C GLY B 141 17.25 2.70 -0.75
N VAL B 142 16.29 3.39 -1.34
CA VAL B 142 14.98 3.56 -0.72
C VAL B 142 13.90 3.22 -1.73
N ALA B 143 12.86 2.55 -1.27
CA ALA B 143 11.72 2.23 -2.12
C ALA B 143 10.49 2.05 -1.25
N VAL B 144 9.34 2.27 -1.86
CA VAL B 144 8.06 2.21 -1.17
C VAL B 144 7.29 1.05 -1.77
N LEU B 145 6.85 0.13 -0.93
CA LEU B 145 6.04 -1.00 -1.34
C LEU B 145 4.82 -1.02 -0.46
N ASN B 146 3.63 -0.95 -1.06
CA ASN B 146 2.36 -0.94 -0.34
C ASN B 146 2.34 0.10 0.76
N ARG B 147 2.85 1.28 0.44
CA ARG B 147 2.82 2.44 1.33
C ARG B 147 3.68 2.24 2.59
N LEU B 148 4.65 1.35 2.57
CA LEU B 148 5.71 1.41 3.56
C LEU B 148 7.03 1.72 2.89
N LEU B 149 7.92 2.33 3.66
CA LEU B 149 9.17 2.88 3.14
C LEU B 149 10.31 1.97 3.57
N TYR B 150 11.06 1.45 2.62
CA TYR B 150 12.17 0.57 2.89
C TYR B 150 13.49 1.29 2.66
N ALA B 151 14.41 1.13 3.61
CA ALA B 151 15.77 1.65 3.50
C ALA B 151 16.72 0.45 3.41
N VAL B 152 17.52 0.38 2.35
CA VAL B 152 18.22 -0.85 2.00
C VAL B 152 19.71 -0.58 1.87
N GLY B 153 20.53 -1.33 2.63
CA GLY B 153 21.98 -1.21 2.49
C GLY B 153 22.53 0.16 2.86
N GLY B 154 23.66 0.52 2.27
CA GLY B 154 24.33 1.77 2.57
C GLY B 154 25.68 1.58 3.27
N PHE B 155 26.15 2.69 3.84
CA PHE B 155 27.47 2.80 4.46
C PHE B 155 27.31 3.58 5.75
N ASP B 156 27.68 3.00 6.88
CA ASP B 156 27.43 3.70 8.14
C ASP B 156 28.61 4.57 8.59
N GLY B 157 29.57 4.81 7.73
CA GLY B 157 30.80 5.52 8.06
C GLY B 157 31.98 4.60 8.34
N THR B 158 31.73 3.35 8.68
CA THR B 158 32.78 2.39 8.96
C THR B 158 32.58 1.10 8.20
N ASN B 159 31.34 0.62 8.10
CA ASN B 159 31.04 -0.63 7.44
C ASN B 159 29.98 -0.40 6.39
N ARG B 160 30.08 -1.13 5.29
CA ARG B 160 28.99 -1.23 4.33
C ARG B 160 27.99 -2.30 4.79
N LEU B 161 26.74 -2.18 4.31
CA LEU B 161 25.61 -2.83 4.98
C LEU B 161 24.83 -3.71 4.03
N ASN B 162 24.45 -4.90 4.49
CA ASN B 162 23.38 -5.63 3.80
C ASN B 162 22.05 -5.55 4.53
N SER B 163 22.00 -4.97 5.72
CA SER B 163 20.74 -4.91 6.46
C SER B 163 19.74 -4.03 5.73
N ALA B 164 18.48 -4.18 6.12
CA ALA B 164 17.38 -3.37 5.61
C ALA B 164 16.35 -3.18 6.73
N GLU B 165 15.68 -2.03 6.71
CA GLU B 165 14.65 -1.73 7.69
C GLU B 165 13.46 -1.08 7.01
N CYS B 166 12.32 -1.11 7.70
CA CYS B 166 11.06 -0.73 7.11
C CYS B 166 10.42 0.33 8.00
N TYR B 167 9.95 1.41 7.40
CA TYR B 167 9.31 2.51 8.10
C TYR B 167 7.78 2.44 7.97
N TYR B 168 7.09 2.53 9.09
CA TYR B 168 5.64 2.50 9.12
C TYR B 168 5.15 3.92 9.27
N PRO B 169 4.57 4.52 8.23
CA PRO B 169 4.39 5.99 8.23
C PRO B 169 3.37 6.48 9.24
N GLU B 170 2.33 5.69 9.56
CA GLU B 170 1.32 6.16 10.50
C GLU B 170 1.54 5.65 11.91
N ARG B 171 2.44 4.70 12.11
CA ARG B 171 2.93 4.38 13.44
C ARG B 171 4.20 5.15 13.80
N ASN B 172 4.91 5.68 12.80
CA ASN B 172 6.13 6.47 12.96
C ASN B 172 7.20 5.66 13.72
N GLU B 173 7.49 4.47 13.19
CA GLU B 173 8.55 3.64 13.76
C GLU B 173 9.23 2.84 12.65
N TRP B 174 10.52 2.56 12.85
CA TRP B 174 11.31 1.74 11.95
C TRP B 174 11.46 0.35 12.53
N ARG B 175 11.43 -0.66 11.67
CA ARG B 175 11.62 -2.04 12.08
C ARG B 175 12.56 -2.73 11.12
N MET B 176 13.52 -3.48 11.66
CA MET B 176 14.47 -4.22 10.84
C MET B 176 13.77 -5.36 10.11
N ILE B 177 14.11 -5.57 8.84
CA ILE B 177 13.58 -6.72 8.12
C ILE B 177 14.74 -7.67 7.78
N THR B 178 14.45 -8.72 7.03
CA THR B 178 15.50 -9.64 6.57
C THR B 178 16.54 -8.90 5.73
N ALA B 179 17.80 -9.20 5.99
CA ALA B 179 18.91 -8.56 5.33
C ALA B 179 19.08 -9.13 3.92
N MET B 180 19.59 -8.29 3.03
CA MET B 180 19.94 -8.77 1.70
C MET B 180 20.97 -9.88 1.80
N ASN B 181 21.13 -10.60 0.69
CA ASN B 181 22.23 -11.55 0.59
C ASN B 181 23.57 -10.84 0.51
N THR B 182 23.60 -9.64 -0.06
CA THR B 182 24.84 -9.00 -0.48
C THR B 182 24.93 -7.62 0.16
N ILE B 183 26.10 -7.32 0.73
CA ILE B 183 26.36 -5.98 1.22
C ILE B 183 26.42 -5.02 0.04
N ARG B 184 25.81 -3.86 0.17
CA ARG B 184 25.68 -2.93 -0.95
C ARG B 184 25.54 -1.51 -0.46
N SER B 185 26.46 -0.64 -0.86
CA SER B 185 26.27 0.80 -0.74
CA SER B 185 26.30 0.80 -0.74
C SER B 185 26.15 1.38 -2.14
N GLY B 186 25.32 2.41 -2.29
CA GLY B 186 25.17 3.01 -3.61
C GLY B 186 24.51 2.08 -4.61
N ALA B 187 23.67 1.16 -4.13
CA ALA B 187 22.88 0.33 -5.03
C ALA B 187 21.71 1.13 -5.60
N GLY B 188 21.11 0.57 -6.68
CA GLY B 188 19.86 1.07 -7.18
C GLY B 188 18.72 0.24 -6.61
N VAL B 189 17.82 0.90 -5.89
CA VAL B 189 16.71 0.23 -5.25
C VAL B 189 15.40 0.83 -5.77
N CYS B 190 14.44 -0.03 -6.08
CA CYS B 190 13.17 0.35 -6.69
C CYS B 190 12.16 -0.77 -6.45
N VAL B 191 10.91 -0.48 -6.76
CA VAL B 191 9.82 -1.43 -6.62
C VAL B 191 9.29 -1.74 -8.00
N LEU B 192 9.08 -3.02 -8.29
CA LEU B 192 8.49 -3.45 -9.56
C LEU B 192 7.66 -4.70 -9.31
N HIS B 193 6.45 -4.72 -9.87
CA HIS B 193 5.55 -5.88 -9.77
C HIS B 193 5.50 -6.44 -8.35
N ASN B 194 5.41 -5.55 -7.36
CA ASN B 194 5.19 -5.89 -5.95
C ASN B 194 6.39 -6.54 -5.28
N CYS B 195 7.59 -6.26 -5.77
CA CYS B 195 8.83 -6.62 -5.08
C CYS B 195 9.78 -5.44 -5.09
N ILE B 196 10.66 -5.41 -4.10
CA ILE B 196 11.76 -4.44 -4.02
C ILE B 196 12.97 -5.05 -4.69
N TYR B 197 13.57 -4.33 -5.62
CA TYR B 197 14.80 -4.78 -6.26
C TYR B 197 15.97 -3.96 -5.73
N ALA B 198 17.10 -4.63 -5.56
CA ALA B 198 18.37 -3.98 -5.25
C ALA B 198 19.37 -4.44 -6.29
N ALA B 199 19.88 -3.50 -7.09
CA ALA B 199 20.75 -3.80 -8.21
C ALA B 199 22.08 -3.09 -8.00
N GLY B 200 23.17 -3.83 -8.19
CA GLY B 200 24.50 -3.25 -8.14
C GLY B 200 24.90 -2.70 -6.79
N GLY B 201 25.73 -1.65 -6.81
CA GLY B 201 26.28 -1.08 -5.60
C GLY B 201 27.74 -1.43 -5.43
N TYR B 202 28.23 -1.19 -4.21
CA TYR B 202 29.62 -1.36 -3.83
C TYR B 202 29.66 -2.04 -2.47
N ASP B 203 30.44 -3.12 -2.34
CA ASP B 203 30.56 -3.79 -1.05
C ASP B 203 31.86 -3.46 -0.31
N GLY B 204 32.61 -2.44 -0.76
CA GLY B 204 33.90 -2.13 -0.15
C GLY B 204 35.08 -2.83 -0.79
N GLN B 205 34.83 -3.82 -1.63
CA GLN B 205 35.88 -4.47 -2.40
C GLN B 205 35.63 -4.36 -3.89
N ASP B 206 34.40 -4.67 -4.33
CA ASP B 206 34.08 -4.72 -5.74
C ASP B 206 32.80 -3.93 -6.00
N GLN B 207 32.72 -3.34 -7.18
CA GLN B 207 31.42 -2.94 -7.70
C GLN B 207 30.70 -4.20 -8.16
N LEU B 208 29.37 -4.15 -8.10
CA LEU B 208 28.51 -5.33 -8.23
C LEU B 208 27.61 -5.24 -9.46
N ASN B 209 27.41 -6.38 -10.13
CA ASN B 209 26.38 -6.49 -11.13
C ASN B 209 25.19 -7.32 -10.65
N SER B 210 25.24 -7.84 -9.43
CA SER B 210 24.19 -8.73 -8.99
C SER B 210 22.94 -7.92 -8.64
N VAL B 211 21.80 -8.59 -8.68
CA VAL B 211 20.49 -7.99 -8.47
C VAL B 211 19.66 -8.96 -7.66
N GLU B 212 19.04 -8.48 -6.59
CA GLU B 212 18.20 -9.37 -5.80
C GLU B 212 16.91 -8.65 -5.46
N ARG B 213 15.86 -9.43 -5.22
CA ARG B 213 14.55 -8.83 -5.02
C ARG B 213 13.89 -9.37 -3.77
N TYR B 214 13.25 -8.46 -3.04
CA TYR B 214 12.58 -8.76 -1.81
C TYR B 214 11.11 -9.01 -2.08
N ASP B 215 10.61 -10.13 -1.58
CA ASP B 215 9.19 -10.47 -1.60
C ASP B 215 8.67 -10.32 -0.18
N VAL B 216 7.79 -9.34 0.04
CA VAL B 216 7.25 -9.10 1.38
C VAL B 216 6.49 -10.33 1.90
N GLU B 217 5.85 -11.09 1.01
CA GLU B 217 5.04 -12.23 1.44
C GLU B 217 5.90 -13.32 2.07
N THR B 218 7.08 -13.58 1.54
CA THR B 218 7.96 -14.56 2.15
C THR B 218 9.05 -13.92 2.99
N GLU B 219 9.11 -12.58 3.02
CA GLU B 219 10.15 -11.84 3.72
C GLU B 219 11.55 -12.38 3.37
N THR B 220 11.78 -12.57 2.07
CA THR B 220 12.97 -13.25 1.54
C THR B 220 13.55 -12.48 0.36
N TRP B 221 14.87 -12.41 0.29
CA TRP B 221 15.58 -11.85 -0.86
C TRP B 221 16.04 -12.99 -1.76
N THR B 222 15.82 -12.83 -3.07
CA THR B 222 16.19 -13.84 -4.06
C THR B 222 17.03 -13.19 -5.16
N PHE B 223 18.09 -13.86 -5.58
CA PHE B 223 18.91 -13.34 -6.66
C PHE B 223 18.10 -13.48 -7.95
N VAL B 224 18.15 -12.47 -8.82
CA VAL B 224 17.65 -12.65 -10.18
C VAL B 224 18.84 -12.46 -11.11
N ALA B 225 18.55 -12.32 -12.41
CA ALA B 225 19.62 -12.17 -13.38
C ALA B 225 20.47 -10.96 -13.03
N PRO B 226 21.79 -11.02 -13.21
CA PRO B 226 22.63 -9.86 -12.94
C PRO B 226 22.66 -8.91 -14.14
N MET B 227 23.01 -7.66 -13.86
CA MET B 227 23.26 -6.69 -14.92
C MET B 227 24.48 -7.10 -15.73
N LYS B 228 24.57 -6.53 -16.94
CA LYS B 228 25.77 -6.79 -17.75
C LYS B 228 26.97 -6.02 -17.22
N HIS B 229 26.77 -4.86 -16.60
CA HIS B 229 27.87 -4.02 -16.17
C HIS B 229 27.81 -3.81 -14.67
N ARG B 230 28.91 -4.16 -13.99
CA ARG B 230 29.07 -3.79 -12.60
C ARG B 230 29.03 -2.28 -12.47
N ARG B 231 28.29 -1.80 -11.48
CA ARG B 231 28.18 -0.36 -11.33
C ARG B 231 27.76 -0.03 -9.91
N SER B 232 28.33 1.05 -9.37
CA SER B 232 27.94 1.65 -8.11
C SER B 232 27.47 3.07 -8.38
N ALA B 233 26.64 3.60 -7.47
CA ALA B 233 26.10 4.96 -7.61
C ALA B 233 25.39 5.15 -8.94
N LEU B 234 24.70 4.10 -9.36
CA LEU B 234 23.84 4.13 -10.52
C LEU B 234 22.49 4.78 -10.17
N GLY B 235 21.82 5.28 -11.19
CA GLY B 235 20.47 5.75 -11.05
C GLY B 235 19.56 4.65 -11.52
N ILE B 236 18.34 4.64 -11.00
CA ILE B 236 17.40 3.58 -11.30
C ILE B 236 15.99 4.15 -11.29
N THR B 237 15.15 3.66 -12.20
CA THR B 237 13.72 3.91 -12.15
C THR B 237 12.99 2.74 -12.81
N VAL B 238 11.67 2.80 -12.77
CA VAL B 238 10.81 1.82 -13.44
C VAL B 238 9.98 2.59 -14.46
N HIS B 239 9.91 2.07 -15.69
CA HIS B 239 9.12 2.65 -16.77
C HIS B 239 8.38 1.53 -17.50
N GLN B 240 7.05 1.54 -17.45
CA GLN B 240 6.18 0.58 -18.16
C GLN B 240 6.54 -0.88 -17.83
N GLY B 241 6.56 -1.19 -16.54
CA GLY B 241 6.83 -2.56 -16.14
C GLY B 241 8.25 -3.05 -16.32
N ARG B 242 9.21 -2.15 -16.55
CA ARG B 242 10.61 -2.56 -16.71
C ARG B 242 11.53 -1.66 -15.89
N ILE B 243 12.64 -2.24 -15.40
CA ILE B 243 13.63 -1.51 -14.62
C ILE B 243 14.65 -0.91 -15.57
N TYR B 244 14.98 0.35 -15.35
CA TYR B 244 16.05 1.02 -16.08
C TYR B 244 17.11 1.42 -15.07
N VAL B 245 18.40 1.14 -15.39
CA VAL B 245 19.52 1.60 -14.58
C VAL B 245 20.42 2.47 -15.44
N LEU B 246 20.85 3.60 -14.88
CA LEU B 246 21.56 4.63 -15.63
C LEU B 246 22.92 4.89 -15.01
N GLY B 247 23.98 4.80 -15.83
CA GLY B 247 25.29 5.25 -15.43
C GLY B 247 25.84 4.54 -14.20
N GLY B 248 26.61 5.26 -13.42
CA GLY B 248 27.30 4.70 -12.28
C GLY B 248 28.79 4.60 -12.53
N TYR B 249 29.45 3.89 -11.63
CA TYR B 249 30.91 3.83 -11.59
C TYR B 249 31.33 2.37 -11.43
N ASP B 250 32.22 1.90 -12.28
CA ASP B 250 32.65 0.49 -12.24
C ASP B 250 34.07 0.32 -11.71
N GLY B 251 34.60 1.31 -11.01
CA GLY B 251 35.96 1.25 -10.50
C GLY B 251 37.01 1.82 -11.43
N HIS B 252 36.63 2.17 -12.67
CA HIS B 252 37.57 2.75 -13.64
C HIS B 252 36.91 3.85 -14.46
N THR B 253 35.64 3.67 -14.79
CA THR B 253 34.94 4.55 -15.72
C THR B 253 33.64 5.01 -15.08
N PHE B 254 33.29 6.26 -15.37
CA PHE B 254 31.92 6.70 -15.18
C PHE B 254 31.11 6.26 -16.39
N LEU B 255 30.13 5.39 -16.17
CA LEU B 255 29.43 4.74 -17.26
C LEU B 255 28.37 5.66 -17.86
N ASP B 256 28.17 5.52 -19.17
CA ASP B 256 27.01 6.09 -19.84
C ASP B 256 26.01 5.03 -20.23
N SER B 257 26.32 3.76 -19.97
CA SER B 257 25.47 2.64 -20.34
C SER B 257 24.15 2.65 -19.57
N VAL B 258 23.06 2.40 -20.27
CA VAL B 258 21.73 2.25 -19.66
C VAL B 258 21.25 0.85 -19.98
N GLU B 259 20.93 0.11 -18.93
CA GLU B 259 20.42 -1.25 -19.06
C GLU B 259 18.98 -1.33 -18.60
N CYS B 260 18.26 -2.29 -19.15
CA CYS B 260 16.83 -2.39 -18.93
C CYS B 260 16.50 -3.84 -18.60
N TYR B 261 15.77 -4.06 -17.51
CA TYR B 261 15.42 -5.38 -17.03
C TYR B 261 13.97 -5.75 -17.38
N ASP B 262 13.81 -6.86 -18.09
CA ASP B 262 12.49 -7.40 -18.36
C ASP B 262 12.19 -8.51 -17.34
N PRO B 263 11.25 -8.31 -16.41
CA PRO B 263 10.99 -9.34 -15.40
C PRO B 263 10.32 -10.57 -15.94
N ASP B 264 9.64 -10.48 -17.08
CA ASP B 264 8.96 -11.65 -17.62
C ASP B 264 9.94 -12.60 -18.28
N THR B 265 11.05 -12.08 -18.83
CA THR B 265 12.11 -12.93 -19.35
C THR B 265 13.30 -13.05 -18.41
N ASP B 266 13.34 -12.29 -17.31
CA ASP B 266 14.47 -12.28 -16.39
C ASP B 266 15.79 -12.02 -17.14
N THR B 267 15.80 -10.96 -17.94
CA THR B 267 16.97 -10.62 -18.72
C THR B 267 17.21 -9.11 -18.67
N TRP B 268 18.49 -8.74 -18.77
CA TRP B 268 18.91 -7.36 -18.86
C TRP B 268 19.37 -7.08 -20.28
N SER B 269 19.07 -5.87 -20.76
CA SER B 269 19.43 -5.45 -22.10
C SER B 269 20.01 -4.05 -22.04
N GLU B 270 21.06 -3.81 -22.81
CA GLU B 270 21.58 -2.45 -23.00
C GLU B 270 20.70 -1.76 -24.03
N VAL B 271 20.09 -0.65 -23.66
CA VAL B 271 19.12 -0.02 -24.54
C VAL B 271 19.59 1.33 -25.08
N THR B 272 20.46 2.04 -24.38
CA THR B 272 20.94 3.33 -24.87
C THR B 272 22.22 3.69 -24.14
N ARG B 273 22.78 4.84 -24.50
CA ARG B 273 23.87 5.45 -23.78
C ARG B 273 23.46 6.89 -23.49
N MET B 274 23.61 7.31 -22.23
CA MET B 274 23.49 8.73 -21.88
C MET B 274 24.41 9.57 -22.74
N THR B 275 24.16 10.89 -22.81
CA THR B 275 25.02 11.74 -23.63
C THR B 275 26.45 11.75 -23.13
N SER B 276 26.67 11.48 -21.84
CA SER B 276 28.02 11.35 -21.31
C SER B 276 27.95 10.59 -19.99
N GLY B 277 29.01 9.84 -19.69
CA GLY B 277 29.01 9.01 -18.50
C GLY B 277 29.00 9.84 -17.23
N ARG B 278 28.30 9.33 -16.22
CA ARG B 278 28.19 10.03 -14.95
C ARG B 278 27.70 9.03 -13.93
N SER B 279 27.95 9.34 -12.66
CA SER B 279 27.42 8.58 -11.53
C SER B 279 26.67 9.51 -10.59
N GLY B 280 25.96 8.91 -9.63
CA GLY B 280 25.31 9.71 -8.60
C GLY B 280 24.18 10.58 -9.09
N VAL B 281 23.41 10.12 -10.08
CA VAL B 281 22.29 10.88 -10.63
C VAL B 281 21.03 10.62 -9.82
N GLY B 282 20.06 11.52 -9.96
CA GLY B 282 18.70 11.29 -9.49
C GLY B 282 17.83 11.05 -10.72
N VAL B 283 16.97 10.03 -10.65
CA VAL B 283 16.17 9.60 -11.78
C VAL B 283 14.71 9.45 -11.36
N ALA B 284 13.80 9.83 -12.24
CA ALA B 284 12.38 9.55 -12.03
C ALA B 284 11.65 9.70 -13.37
N VAL B 285 10.38 9.33 -13.38
CA VAL B 285 9.59 9.23 -14.59
C VAL B 285 8.40 10.16 -14.49
N THR B 286 8.17 10.97 -15.52
CA THR B 286 6.95 11.80 -15.56
C THR B 286 6.67 12.18 -17.00
N MET B 287 5.60 12.95 -17.22
CA MET B 287 5.16 13.21 -18.59
C MET B 287 6.20 14.01 -19.36
N GLU B 288 6.20 13.81 -20.67
CA GLU B 288 7.19 14.47 -21.51
C GLU B 288 6.97 15.99 -21.46
N PRO B 289 8.01 16.79 -21.71
CA PRO B 289 7.86 18.24 -21.57
C PRO B 289 6.89 18.81 -22.61
N SER B 290 6.27 19.93 -22.24
CA SER B 290 5.16 20.47 -23.02
C SER B 290 5.63 20.84 -24.43
N ARG B 291 6.82 21.42 -24.52
CA ARG B 291 7.49 21.80 -25.76
C ARG B 291 6.69 22.77 -26.62
N ASP C 2 -31.50 -15.24 15.68
CA ASP C 2 -30.05 -15.34 15.62
C ASP C 2 -29.43 -14.38 16.61
N PRO C 3 -28.71 -14.92 17.61
CA PRO C 3 -28.12 -14.06 18.64
C PRO C 3 -27.02 -13.15 18.14
N GLU C 4 -26.56 -13.32 16.92
CA GLU C 4 -25.40 -12.60 16.41
C GLU C 4 -25.76 -11.51 15.43
N THR C 5 -26.74 -11.76 14.56
CA THR C 5 -27.21 -10.75 13.64
C THR C 5 -28.53 -10.11 14.08
N GLY C 6 -29.22 -10.72 15.04
CA GLY C 6 -30.55 -10.28 15.42
C GLY C 6 -31.68 -10.73 14.51
N GLU C 7 -31.41 -11.41 13.39
CA GLU C 7 -32.44 -11.79 12.44
C GLU C 7 -33.24 -13.00 12.94
#